data_7TA9
#
_entry.id   7TA9
#
_cell.length_a   64.940
_cell.length_b   73.760
_cell.length_c   109.380
_cell.angle_alpha   90.000
_cell.angle_beta   90.000
_cell.angle_gamma   90.000
#
_symmetry.space_group_name_H-M   'P 21 21 21'
#
loop_
_entity.id
_entity.type
_entity.pdbx_description
1 polymer 'Thymidylate synthase'
2 non-polymer 1,2-ETHANEDIOL
3 non-polymer 'TETRAETHYLENE GLYCOL'
4 non-polymer DI(HYDROXYETHYL)ETHER
5 water water
#
_entity_poly.entity_id   1
_entity_poly.type   'polypeptide(L)'
_entity_poly.pdbx_seq_one_letter_code
;MAHHHHHHMRAYLDLLQHILDNGGDKGDRTGTGTRSVFGHQMRFDLSKGFPLLTTKKVHFRSIVIELLWFLKGDTNVKYL
QDNKVTIWDEWATAEQTARFGRPEHELGPVYGHQWRNFGATKNADGTYNQDGFDQIKWLINEIKTNPNSRRLIVSGWNPN
EAGQVALPPCHTLFQFFVQDNKLSCQLYQRSADVFLGVPFNIASYALLTHMIAQVCGLGVGDFVWTGGDTHLYANHFEQA
KLQLTREPLPLCQLKLNPEVKDIFDFKFEDIEIVGYESHPAIKAPVAV
;
_entity_poly.pdbx_strand_id   A,B
#
# COMPACT_ATOMS: atom_id res chain seq x y z
N ALA A 2 -34.39 -15.24 -6.56
CA ALA A 2 -33.22 -14.37 -6.55
C ALA A 2 -31.92 -15.18 -6.55
N HIS A 3 -30.87 -14.62 -7.15
CA HIS A 3 -29.58 -15.29 -7.22
C HIS A 3 -28.86 -15.20 -5.88
N HIS A 4 -28.46 -16.34 -5.33
CA HIS A 4 -27.75 -16.37 -4.06
C HIS A 4 -26.28 -16.67 -4.35
N HIS A 5 -25.49 -15.60 -4.43
CA HIS A 5 -24.06 -15.71 -4.68
C HIS A 5 -23.34 -16.07 -3.39
N HIS A 6 -22.24 -16.83 -3.54
CA HIS A 6 -21.37 -17.12 -2.41
C HIS A 6 -20.62 -15.85 -2.02
N HIS A 7 -20.04 -15.85 -0.81
CA HIS A 7 -19.53 -14.61 -0.22
C HIS A 7 -18.53 -13.88 -1.11
N HIS A 8 -17.57 -14.61 -1.67
CA HIS A 8 -16.50 -13.94 -2.39
C HIS A 8 -17.05 -13.21 -3.60
N MET A 9 -17.93 -13.88 -4.36
CA MET A 9 -18.54 -13.23 -5.51
C MET A 9 -19.48 -12.10 -5.10
N ARG A 10 -20.16 -12.24 -3.96
CA ARG A 10 -21.01 -11.15 -3.50
C ARG A 10 -20.20 -9.88 -3.27
N ALA A 11 -19.02 -10.02 -2.66
CA ALA A 11 -18.16 -8.86 -2.42
C ALA A 11 -17.68 -8.24 -3.72
N TYR A 12 -17.28 -9.07 -4.68
CA TYR A 12 -16.84 -8.56 -5.98
C TYR A 12 -17.99 -7.88 -6.73
N LEU A 13 -19.17 -8.51 -6.77
CA LEU A 13 -20.30 -7.88 -7.45
C LEU A 13 -20.73 -6.60 -6.75
N ASP A 14 -20.62 -6.55 -5.41
CA ASP A 14 -20.91 -5.31 -4.70
C ASP A 14 -19.97 -4.20 -5.16
N LEU A 15 -18.71 -4.54 -5.44
CA LEU A 15 -17.78 -3.55 -5.96
C LEU A 15 -18.20 -3.06 -7.34
N LEU A 16 -18.51 -4.00 -8.25
CA LEU A 16 -18.95 -3.61 -9.59
C LEU A 16 -20.15 -2.69 -9.52
N GLN A 17 -21.15 -3.07 -8.72
CA GLN A 17 -22.36 -2.27 -8.60
C GLN A 17 -22.04 -0.88 -8.03
N HIS A 18 -21.14 -0.83 -7.05
CA HIS A 18 -20.80 0.44 -6.42
C HIS A 18 -20.15 1.38 -7.45
N ILE A 19 -19.25 0.86 -8.28
CA ILE A 19 -18.61 1.70 -9.29
CA ILE A 19 -18.62 1.72 -9.27
C ILE A 19 -19.62 2.15 -10.32
N LEU A 20 -20.44 1.22 -10.81
CA LEU A 20 -21.45 1.57 -11.79
C LEU A 20 -22.38 2.66 -11.28
N ASP A 21 -22.83 2.54 -10.04
CA ASP A 21 -23.85 3.44 -9.50
C ASP A 21 -23.27 4.71 -8.88
N ASN A 22 -22.12 4.62 -8.22
CA ASN A 22 -21.61 5.72 -7.41
C ASN A 22 -20.27 6.26 -7.87
N GLY A 23 -19.63 5.64 -8.86
CA GLY A 23 -18.34 6.13 -9.31
C GLY A 23 -18.45 7.50 -9.96
N GLY A 24 -17.42 8.30 -9.73
CA GLY A 24 -17.31 9.56 -10.43
C GLY A 24 -16.87 9.35 -11.87
N ASP A 25 -17.29 10.28 -12.73
CA ASP A 25 -17.06 10.17 -14.18
C ASP A 25 -15.76 10.89 -14.55
N LYS A 26 -14.99 10.25 -15.44
CA LYS A 26 -13.83 10.88 -16.05
C LYS A 26 -13.82 10.57 -17.53
N GLY A 27 -13.15 11.44 -18.27
CA GLY A 27 -13.03 11.40 -19.71
C GLY A 27 -13.72 12.58 -20.37
N ASP A 28 -13.26 12.93 -21.56
CA ASP A 28 -13.89 14.00 -22.31
C ASP A 28 -14.58 13.43 -23.56
N ARG A 29 -14.74 14.26 -24.59
CA ARG A 29 -15.53 13.87 -25.75
C ARG A 29 -14.80 12.89 -26.66
N THR A 30 -13.53 12.59 -26.40
CA THR A 30 -12.81 11.59 -27.17
C THR A 30 -12.08 10.66 -26.20
N GLY A 31 -12.09 9.38 -26.52
CA GLY A 31 -11.45 8.38 -25.70
C GLY A 31 -12.41 7.77 -24.69
N THR A 32 -12.20 6.50 -24.39
CA THR A 32 -13.09 5.79 -23.50
C THR A 32 -13.05 6.38 -22.10
N GLY A 33 -14.23 6.65 -21.55
CA GLY A 33 -14.32 7.20 -20.20
C GLY A 33 -14.28 6.12 -19.15
N THR A 34 -14.31 6.55 -17.89
CA THR A 34 -14.37 5.65 -16.75
C THR A 34 -15.34 6.17 -15.69
N ARG A 35 -15.87 5.24 -14.90
CA ARG A 35 -16.39 5.54 -13.57
C ARG A 35 -15.44 4.95 -12.55
N SER A 36 -15.24 5.65 -11.44
CA SER A 36 -14.23 5.21 -10.50
C SER A 36 -14.52 5.72 -9.10
N VAL A 37 -13.94 5.02 -8.13
CA VAL A 37 -13.87 5.51 -6.76
C VAL A 37 -12.42 5.37 -6.34
N PHE A 38 -12.04 6.16 -5.32
CA PHE A 38 -10.70 6.11 -4.77
C PHE A 38 -10.79 5.55 -3.36
N GLY A 39 -10.15 4.39 -3.15
CA GLY A 39 -10.25 3.73 -1.88
C GLY A 39 -11.43 2.79 -1.85
N HIS A 40 -11.13 1.50 -1.78
CA HIS A 40 -12.13 0.47 -1.59
C HIS A 40 -11.42 -0.68 -0.88
N GLN A 41 -12.19 -1.50 -0.18
CA GLN A 41 -11.62 -2.65 0.49
C GLN A 41 -12.63 -3.79 0.51
N MET A 42 -12.14 -5.00 0.28
CA MET A 42 -12.93 -6.23 0.33
C MET A 42 -12.14 -7.27 1.10
N ARG A 43 -12.85 -8.16 1.78
CA ARG A 43 -12.22 -9.21 2.58
C ARG A 43 -12.74 -10.57 2.12
N PHE A 44 -11.85 -11.55 1.99
CA PHE A 44 -12.20 -12.89 1.58
C PHE A 44 -11.63 -13.86 2.61
N ASP A 45 -12.51 -14.51 3.35
CA ASP A 45 -12.08 -15.58 4.27
C ASP A 45 -11.65 -16.78 3.42
N LEU A 46 -10.35 -17.09 3.43
CA LEU A 46 -9.85 -18.16 2.57
C LEU A 46 -10.27 -19.55 3.02
N SER A 47 -10.80 -19.71 4.23
CA SER A 47 -11.37 -21.00 4.63
C SER A 47 -12.76 -21.22 4.07
N LYS A 48 -13.39 -20.20 3.49
CA LYS A 48 -14.73 -20.29 2.92
C LYS A 48 -14.71 -20.39 1.40
N GLY A 49 -13.71 -21.07 0.84
CA GLY A 49 -13.59 -21.19 -0.59
C GLY A 49 -12.50 -20.29 -1.15
N PHE A 50 -11.99 -20.66 -2.32
CA PHE A 50 -10.94 -19.89 -2.98
C PHE A 50 -11.57 -18.80 -3.84
N PRO A 51 -11.11 -17.55 -3.72
CA PRO A 51 -11.72 -16.42 -4.47
C PRO A 51 -11.27 -16.37 -5.93
N LEU A 52 -11.68 -17.37 -6.71
CA LEU A 52 -11.45 -17.32 -8.15
C LEU A 52 -12.29 -16.24 -8.82
N LEU A 53 -13.42 -15.88 -8.20
CA LEU A 53 -14.34 -14.86 -8.74
C LEU A 53 -14.72 -15.28 -10.16
N THR A 54 -14.65 -14.38 -11.13
CA THR A 54 -15.11 -14.65 -12.50
C THR A 54 -14.00 -15.20 -13.38
N THR A 55 -12.82 -15.46 -12.82
CA THR A 55 -11.71 -15.99 -13.61
C THR A 55 -12.09 -17.36 -14.15
N LYS A 56 -11.99 -17.54 -15.46
CA LYS A 56 -12.23 -18.85 -16.04
C LYS A 56 -11.15 -19.81 -15.58
N LYS A 57 -11.55 -21.06 -15.30
CA LYS A 57 -10.58 -22.06 -14.85
C LYS A 57 -9.42 -22.19 -15.83
N VAL A 58 -9.68 -22.04 -17.13
CA VAL A 58 -8.62 -22.15 -18.12
C VAL A 58 -7.55 -21.08 -17.91
N HIS A 59 -7.95 -19.90 -17.45
CA HIS A 59 -6.96 -18.85 -17.23
C HIS A 59 -6.18 -19.02 -15.95
N PHE A 60 -6.68 -19.86 -15.02
CA PHE A 60 -5.95 -20.05 -13.77
C PHE A 60 -4.56 -20.59 -14.03
N ARG A 61 -4.42 -21.43 -15.06
CA ARG A 61 -3.11 -21.89 -15.47
CA ARG A 61 -3.13 -21.88 -15.56
C ARG A 61 -2.13 -20.74 -15.61
N SER A 62 -2.53 -19.67 -16.31
CA SER A 62 -1.64 -18.55 -16.55
C SER A 62 -1.37 -17.77 -15.28
N ILE A 63 -2.35 -17.66 -14.38
CA ILE A 63 -2.13 -17.01 -13.10
C ILE A 63 -1.06 -17.76 -12.31
N VAL A 64 -1.15 -19.08 -12.26
CA VAL A 64 -0.16 -19.88 -11.54
C VAL A 64 1.23 -19.67 -12.12
N ILE A 65 1.36 -19.85 -13.44
CA ILE A 65 2.68 -19.75 -14.08
CA ILE A 65 2.68 -19.76 -14.06
C ILE A 65 3.26 -18.36 -13.90
N GLU A 66 2.44 -17.32 -14.04
CA GLU A 66 2.92 -15.96 -13.82
C GLU A 66 3.45 -15.78 -12.41
N LEU A 67 2.75 -16.31 -11.41
CA LEU A 67 3.21 -16.17 -10.04
C LEU A 67 4.53 -16.91 -9.83
N LEU A 68 4.68 -18.10 -10.43
CA LEU A 68 5.95 -18.81 -10.31
C LEU A 68 7.08 -18.01 -10.93
N TRP A 69 6.78 -17.30 -12.02
CA TRP A 69 7.76 -16.44 -12.69
C TRP A 69 8.19 -15.30 -11.78
N PHE A 70 7.22 -14.61 -11.15
CA PHE A 70 7.55 -13.59 -10.18
C PHE A 70 8.45 -14.16 -9.08
N LEU A 71 8.08 -15.32 -8.54
CA LEU A 71 8.79 -15.89 -7.42
C LEU A 71 10.22 -16.27 -7.79
N LYS A 72 10.47 -16.65 -9.04
CA LYS A 72 11.82 -16.93 -9.51
C LYS A 72 12.67 -15.68 -9.64
N GLY A 73 12.07 -14.49 -9.57
CA GLY A 73 12.80 -13.27 -9.80
C GLY A 73 13.09 -12.95 -11.24
N ASP A 74 12.41 -13.62 -12.17
CA ASP A 74 12.70 -13.53 -13.59
C ASP A 74 11.88 -12.37 -14.16
N THR A 75 12.52 -11.56 -15.02
CA THR A 75 11.81 -10.50 -15.74
C THR A 75 11.97 -10.62 -17.25
N ASN A 76 12.50 -11.75 -17.72
CA ASN A 76 12.58 -12.07 -19.13
C ASN A 76 11.38 -12.97 -19.46
N VAL A 77 10.74 -12.71 -20.60
CA VAL A 77 9.48 -13.36 -20.95
C VAL A 77 9.61 -14.83 -21.33
N LYS A 78 10.83 -15.34 -21.57
CA LYS A 78 10.95 -16.66 -22.18
C LYS A 78 10.30 -17.77 -21.35
N TYR A 79 10.43 -17.71 -20.02
CA TYR A 79 9.82 -18.73 -19.18
C TYR A 79 8.31 -18.79 -19.41
N LEU A 80 7.67 -17.63 -19.51
CA LEU A 80 6.23 -17.59 -19.74
C LEU A 80 5.90 -18.16 -21.12
N GLN A 81 6.65 -17.75 -22.14
CA GLN A 81 6.39 -18.24 -23.49
C GLN A 81 6.63 -19.73 -23.59
N ASP A 82 7.67 -20.24 -22.90
CA ASP A 82 7.92 -21.68 -22.92
C ASP A 82 6.74 -22.45 -22.35
N ASN A 83 5.99 -21.85 -21.44
CA ASN A 83 4.82 -22.44 -20.81
C ASN A 83 3.52 -22.00 -21.46
N LYS A 84 3.58 -21.39 -22.65
CA LYS A 84 2.40 -20.99 -23.41
C LYS A 84 1.52 -19.98 -22.66
N VAL A 85 2.16 -19.10 -21.89
CA VAL A 85 1.46 -18.05 -21.16
C VAL A 85 1.79 -16.74 -21.86
N THR A 86 0.75 -16.04 -22.31
CA THR A 86 0.91 -14.88 -23.19
C THR A 86 0.67 -13.56 -22.50
N ILE A 87 0.47 -13.58 -21.17
CA ILE A 87 0.04 -12.42 -20.40
CA ILE A 87 0.02 -12.40 -20.43
C ILE A 87 0.95 -11.21 -20.64
N TRP A 88 2.26 -11.45 -20.75
CA TRP A 88 3.23 -10.36 -20.83
C TRP A 88 3.79 -10.14 -22.22
N ASP A 89 3.36 -10.92 -23.22
CA ASP A 89 3.94 -10.85 -24.56
C ASP A 89 3.85 -9.45 -25.15
N GLU A 90 2.73 -8.76 -24.93
CA GLU A 90 2.51 -7.44 -25.52
C GLU A 90 3.64 -6.46 -25.21
N TRP A 91 4.20 -6.54 -24.01
CA TRP A 91 5.23 -5.59 -23.59
C TRP A 91 6.65 -6.07 -23.80
N ALA A 92 6.82 -7.28 -24.36
CA ALA A 92 8.12 -7.90 -24.54
C ALA A 92 8.59 -7.92 -25.99
N THR A 93 7.80 -7.38 -26.91
CA THR A 93 8.23 -7.30 -28.30
C THR A 93 9.39 -6.31 -28.44
N ALA A 94 10.15 -6.44 -29.54
CA ALA A 94 11.25 -5.51 -29.79
C ALA A 94 10.77 -4.06 -29.83
N GLU A 95 9.60 -3.83 -30.45
CA GLU A 95 9.06 -2.46 -30.51
C GLU A 95 8.79 -1.92 -29.12
N GLN A 96 8.22 -2.75 -28.23
CA GLN A 96 7.88 -2.28 -26.91
C GLN A 96 9.09 -2.13 -26.01
N THR A 97 10.06 -3.05 -26.09
CA THR A 97 11.23 -2.93 -25.22
C THR A 97 12.11 -1.77 -25.64
N ALA A 98 12.13 -1.46 -26.95
CA ALA A 98 12.87 -0.29 -27.42
C ALA A 98 12.34 1.01 -26.81
N ARG A 99 11.08 1.04 -26.38
CA ARG A 99 10.57 2.26 -25.75
C ARG A 99 11.32 2.58 -24.47
N PHE A 100 11.99 1.58 -23.87
CA PHE A 100 12.77 1.75 -22.66
C PHE A 100 14.25 1.48 -22.89
N GLY A 101 14.68 1.35 -24.14
CA GLY A 101 16.08 1.15 -24.46
C GLY A 101 16.63 -0.20 -24.08
N ARG A 102 15.81 -1.25 -24.12
CA ARG A 102 16.26 -2.56 -23.69
C ARG A 102 15.91 -3.62 -24.73
N PRO A 103 16.55 -4.79 -24.67
CA PRO A 103 16.38 -5.79 -25.73
C PRO A 103 15.03 -6.49 -25.66
N GLU A 104 14.65 -7.07 -26.81
CA GLU A 104 13.45 -7.89 -26.89
C GLU A 104 13.47 -8.95 -25.80
N HIS A 105 12.29 -9.27 -25.28
CA HIS A 105 12.02 -10.27 -24.24
C HIS A 105 12.24 -9.75 -22.83
N GLU A 106 12.87 -8.59 -22.65
CA GLU A 106 13.17 -8.07 -21.32
C GLU A 106 12.12 -7.06 -20.91
N LEU A 107 11.41 -7.35 -19.83
CA LEU A 107 10.37 -6.46 -19.34
CA LEU A 107 10.39 -6.43 -19.38
C LEU A 107 10.92 -5.34 -18.48
N GLY A 108 12.20 -5.39 -18.09
CA GLY A 108 12.71 -4.40 -17.17
C GLY A 108 12.38 -4.78 -15.73
N PRO A 109 12.53 -3.82 -14.81
CA PRO A 109 12.42 -4.13 -13.37
C PRO A 109 10.98 -4.25 -12.89
N VAL A 110 10.28 -5.26 -13.42
CA VAL A 110 8.91 -5.59 -13.01
C VAL A 110 8.95 -6.49 -11.78
N TYR A 111 7.84 -7.16 -11.48
CA TYR A 111 7.65 -7.78 -10.15
C TYR A 111 8.80 -8.70 -9.74
N GLY A 112 9.25 -9.58 -10.65
CA GLY A 112 10.30 -10.52 -10.26
C GLY A 112 11.51 -9.83 -9.69
N HIS A 113 11.93 -8.73 -10.30
CA HIS A 113 13.08 -8.01 -9.79
C HIS A 113 12.78 -7.36 -8.44
N GLN A 114 11.60 -6.73 -8.31
CA GLN A 114 11.26 -6.06 -7.06
C GLN A 114 11.18 -7.06 -5.91
N TRP A 115 10.59 -8.22 -6.16
CA TRP A 115 10.37 -9.19 -5.09
C TRP A 115 11.66 -9.82 -4.61
N ARG A 116 12.57 -10.16 -5.54
CA ARG A 116 13.74 -10.96 -5.21
C ARG A 116 15.04 -10.18 -5.12
N ASN A 117 15.06 -8.92 -5.60
CA ASN A 117 16.33 -8.20 -5.70
C ASN A 117 16.09 -6.70 -5.66
N PHE A 118 15.23 -6.25 -4.73
CA PHE A 118 14.84 -4.85 -4.68
C PHE A 118 16.04 -3.94 -4.50
N GLY A 119 16.11 -2.91 -5.32
CA GLY A 119 17.15 -1.89 -5.13
C GLY A 119 18.53 -2.32 -5.51
N ALA A 120 18.69 -3.46 -6.19
CA ALA A 120 19.99 -3.86 -6.68
C ALA A 120 20.56 -2.80 -7.63
N THR A 121 21.89 -2.77 -7.72
CA THR A 121 22.56 -1.91 -8.68
C THR A 121 22.84 -2.68 -9.97
N LYS A 122 23.12 -1.93 -11.04
CA LYS A 122 23.41 -2.52 -12.33
C LYS A 122 24.91 -2.70 -12.52
N ASN A 123 25.29 -3.83 -13.09
CA ASN A 123 26.66 -4.16 -13.43
C ASN A 123 27.01 -3.62 -14.82
N ALA A 124 28.32 -3.40 -15.04
CA ALA A 124 28.79 -2.97 -16.35
C ALA A 124 28.44 -3.95 -17.46
N ASP A 125 28.15 -5.20 -17.13
CA ASP A 125 27.76 -6.16 -18.16
C ASP A 125 26.31 -5.99 -18.60
N GLY A 126 25.60 -5.03 -18.02
CA GLY A 126 24.21 -4.76 -18.36
C GLY A 126 23.17 -5.50 -17.56
N THR A 127 23.56 -6.41 -16.67
CA THR A 127 22.63 -7.13 -15.82
C THR A 127 22.61 -6.51 -14.43
N TYR A 128 21.63 -6.90 -13.62
CA TYR A 128 21.62 -6.49 -12.22
C TYR A 128 22.63 -7.30 -11.44
N ASN A 129 23.39 -6.60 -10.59
CA ASN A 129 24.09 -7.25 -9.51
C ASN A 129 23.09 -7.90 -8.56
N GLN A 130 23.56 -8.86 -7.79
CA GLN A 130 22.70 -9.51 -6.80
C GLN A 130 22.82 -8.86 -5.43
N ASP A 131 22.89 -7.53 -5.41
CA ASP A 131 23.09 -6.77 -4.18
C ASP A 131 21.84 -6.07 -3.71
N GLY A 132 20.68 -6.42 -4.26
CA GLY A 132 19.42 -5.95 -3.77
C GLY A 132 18.91 -6.78 -2.60
N PHE A 133 17.64 -6.59 -2.28
CA PHE A 133 17.04 -7.19 -1.10
C PHE A 133 16.03 -8.24 -1.55
N ASP A 134 16.23 -9.48 -1.09
CA ASP A 134 15.32 -10.58 -1.41
C ASP A 134 14.18 -10.54 -0.41
N GLN A 135 13.11 -9.87 -0.81
CA GLN A 135 11.97 -9.67 0.08
C GLN A 135 11.24 -10.97 0.36
N ILE A 136 11.19 -11.88 -0.62
CA ILE A 136 10.49 -13.14 -0.42
C ILE A 136 11.23 -14.00 0.60
N LYS A 137 12.55 -14.15 0.44
CA LYS A 137 13.32 -14.93 1.40
C LYS A 137 13.22 -14.34 2.80
N TRP A 138 13.33 -13.01 2.93
CA TRP A 138 13.23 -12.39 4.24
C TRP A 138 11.86 -12.65 4.85
N LEU A 139 10.81 -12.53 4.02
CA LEU A 139 9.44 -12.72 4.49
C LEU A 139 9.23 -14.11 5.06
N ILE A 140 9.62 -15.15 4.32
CA ILE A 140 9.42 -16.52 4.81
C ILE A 140 10.15 -16.71 6.13
N ASN A 141 11.38 -16.21 6.22
CA ASN A 141 12.14 -16.38 7.45
C ASN A 141 11.46 -15.65 8.61
N GLU A 142 10.95 -14.44 8.36
CA GLU A 142 10.32 -13.68 9.43
C GLU A 142 9.02 -14.32 9.88
N ILE A 143 8.24 -14.89 8.95
CA ILE A 143 7.02 -15.56 9.36
C ILE A 143 7.33 -16.73 10.28
N LYS A 144 8.37 -17.50 9.93
CA LYS A 144 8.72 -18.69 10.70
C LYS A 144 9.30 -18.33 12.06
N THR A 145 10.09 -17.27 12.13
CA THR A 145 10.83 -16.97 13.35
C THR A 145 10.23 -15.85 14.17
N ASN A 146 9.43 -14.99 13.56
CA ASN A 146 8.82 -13.85 14.26
C ASN A 146 7.43 -13.60 13.69
N PRO A 147 6.50 -14.54 13.84
CA PRO A 147 5.20 -14.41 13.15
C PRO A 147 4.38 -13.20 13.56
N ASN A 148 4.61 -12.64 14.74
CA ASN A 148 3.86 -11.46 15.15
C ASN A 148 4.42 -10.17 14.59
N SER A 149 5.45 -10.26 13.74
CA SER A 149 6.01 -9.07 13.10
C SER A 149 4.93 -8.24 12.45
N ARG A 150 5.01 -6.93 12.67
CA ARG A 150 4.08 -5.98 12.06
C ARG A 150 4.64 -5.36 10.79
N ARG A 151 5.67 -5.96 10.20
CA ARG A 151 6.28 -5.48 8.97
CA ARG A 151 6.26 -5.48 8.96
C ARG A 151 6.57 -6.63 8.03
N LEU A 152 5.64 -7.58 7.91
CA LEU A 152 5.78 -8.69 6.97
C LEU A 152 5.35 -8.17 5.59
N ILE A 153 6.21 -7.34 4.99
CA ILE A 153 5.86 -6.52 3.84
C ILE A 153 6.67 -6.93 2.64
N VAL A 154 6.03 -6.93 1.47
CA VAL A 154 6.71 -6.99 0.19
C VAL A 154 6.26 -5.78 -0.63
N SER A 155 7.20 -4.98 -1.10
CA SER A 155 6.86 -3.83 -1.91
C SER A 155 7.26 -4.08 -3.35
N GLY A 156 6.37 -3.73 -4.27
CA GLY A 156 6.68 -3.72 -5.68
C GLY A 156 7.10 -2.36 -6.20
N TRP A 157 7.30 -1.38 -5.32
CA TRP A 157 7.37 0.02 -5.74
C TRP A 157 8.74 0.61 -5.49
N ASN A 158 9.48 0.83 -6.57
CA ASN A 158 10.71 1.60 -6.48
C ASN A 158 10.52 2.80 -7.37
N PRO A 159 10.41 4.02 -6.84
CA PRO A 159 10.11 5.17 -7.72
C PRO A 159 11.13 5.40 -8.83
N ASN A 160 12.40 5.05 -8.60
CA ASN A 160 13.44 5.16 -9.61
C ASN A 160 13.20 4.23 -10.79
N GLU A 161 12.39 3.19 -10.61
CA GLU A 161 12.19 2.16 -11.62
C GLU A 161 10.74 2.04 -12.08
N ALA A 162 9.80 2.61 -11.33
CA ALA A 162 8.39 2.54 -11.74
C ALA A 162 8.18 3.18 -13.10
N GLY A 163 8.97 4.19 -13.44
CA GLY A 163 8.89 4.88 -14.71
C GLY A 163 9.68 4.24 -15.83
N GLN A 164 10.34 3.12 -15.54
CA GLN A 164 11.20 2.42 -16.49
C GLN A 164 10.58 1.13 -16.99
N VAL A 165 9.28 0.92 -16.73
CA VAL A 165 8.57 -0.26 -17.22
C VAL A 165 7.27 0.21 -17.87
N ALA A 166 6.74 -0.64 -18.74
CA ALA A 166 5.52 -0.29 -19.47
C ALA A 166 4.35 -0.09 -18.53
N LEU A 167 4.26 -0.91 -17.49
CA LEU A 167 3.16 -0.86 -16.52
C LEU A 167 3.76 -0.69 -15.14
N PRO A 168 3.83 0.54 -14.62
CA PRO A 168 4.30 0.73 -13.26
C PRO A 168 3.50 -0.17 -12.32
N PRO A 169 4.17 -0.90 -11.44
CA PRO A 169 3.47 -1.98 -10.72
C PRO A 169 2.12 -1.60 -10.09
N CYS A 170 1.06 -2.24 -10.60
CA CYS A 170 -0.28 -2.01 -10.06
C CYS A 170 -0.52 -2.76 -8.77
N HIS A 171 0.20 -3.85 -8.53
CA HIS A 171 0.14 -4.59 -7.26
C HIS A 171 1.27 -4.03 -6.42
N THR A 172 0.97 -2.93 -5.76
CA THR A 172 2.01 -2.01 -5.36
C THR A 172 2.75 -2.47 -4.10
N LEU A 173 2.02 -3.02 -3.13
CA LEU A 173 2.63 -3.42 -1.87
C LEU A 173 1.68 -4.41 -1.22
N PHE A 174 2.23 -5.41 -0.53
CA PHE A 174 1.38 -6.34 0.19
C PHE A 174 2.00 -6.68 1.53
N GLN A 175 1.14 -7.11 2.46
CA GLN A 175 1.54 -7.34 3.83
C GLN A 175 0.87 -8.58 4.34
N PHE A 176 1.58 -9.35 5.17
CA PHE A 176 1.06 -10.53 5.81
C PHE A 176 0.87 -10.30 7.31
N PHE A 177 0.14 -11.23 7.93
CA PHE A 177 -0.30 -11.12 9.31
C PHE A 177 -0.61 -12.53 9.79
N VAL A 178 -0.23 -12.84 11.04
CA VAL A 178 -0.45 -14.15 11.61
C VAL A 178 -1.28 -14.02 12.88
N GLN A 179 -2.36 -14.77 12.96
CA GLN A 179 -3.21 -14.80 14.14
C GLN A 179 -3.80 -16.19 14.26
N ASP A 180 -3.71 -16.77 15.46
CA ASP A 180 -4.27 -18.11 15.70
C ASP A 180 -3.74 -19.12 14.67
N ASN A 181 -2.45 -19.01 14.37
CA ASN A 181 -1.77 -19.91 13.44
C ASN A 181 -2.36 -19.87 12.03
N LYS A 182 -2.94 -18.72 11.65
CA LYS A 182 -3.50 -18.51 10.32
C LYS A 182 -2.85 -17.30 9.68
N LEU A 183 -2.53 -17.43 8.40
CA LEU A 183 -1.84 -16.37 7.67
C LEU A 183 -2.83 -15.57 6.85
N SER A 184 -2.87 -14.26 7.08
CA SER A 184 -3.67 -13.34 6.28
C SER A 184 -2.74 -12.48 5.43
N CYS A 185 -3.30 -11.89 4.39
CA CYS A 185 -2.54 -11.06 3.47
C CYS A 185 -3.42 -9.90 3.04
N GLN A 186 -2.85 -8.71 2.95
CA GLN A 186 -3.53 -7.55 2.38
C GLN A 186 -2.72 -7.03 1.19
N LEU A 187 -3.38 -6.79 0.07
CA LEU A 187 -2.76 -6.20 -1.11
C LEU A 187 -3.24 -4.76 -1.25
N TYR A 188 -2.30 -3.84 -1.47
CA TYR A 188 -2.60 -2.46 -1.86
C TYR A 188 -2.38 -2.33 -3.35
N GLN A 189 -3.46 -2.07 -4.09
CA GLN A 189 -3.39 -1.95 -5.55
C GLN A 189 -3.62 -0.48 -5.92
N ARG A 190 -2.57 0.19 -6.44
CA ARG A 190 -2.66 1.61 -6.75
C ARG A 190 -3.73 1.88 -7.81
N SER A 191 -3.93 0.93 -8.71
CA SER A 191 -4.78 1.15 -9.87
C SER A 191 -5.44 -0.20 -10.14
N ALA A 192 -6.74 -0.18 -10.34
CA ALA A 192 -7.49 -1.44 -10.43
C ALA A 192 -8.57 -1.30 -11.48
N ASP A 193 -8.46 -2.08 -12.56
CA ASP A 193 -9.54 -2.24 -13.51
C ASP A 193 -10.46 -3.32 -12.93
N VAL A 194 -11.63 -2.92 -12.45
CA VAL A 194 -12.45 -3.87 -11.69
C VAL A 194 -12.99 -4.97 -12.56
N PHE A 195 -13.08 -4.75 -13.88
CA PHE A 195 -13.67 -5.78 -14.73
C PHE A 195 -12.64 -6.74 -15.28
N LEU A 196 -11.51 -6.22 -15.79
CA LEU A 196 -10.54 -7.06 -16.48
C LEU A 196 -9.40 -7.52 -15.59
N GLY A 197 -9.07 -6.79 -14.54
CA GLY A 197 -7.88 -7.08 -13.75
C GLY A 197 -8.11 -7.60 -12.35
N VAL A 198 -9.07 -6.99 -11.63
CA VAL A 198 -9.24 -7.31 -10.20
C VAL A 198 -9.46 -8.79 -9.91
N PRO A 199 -10.34 -9.51 -10.62
CA PRO A 199 -10.46 -10.95 -10.34
C PRO A 199 -9.16 -11.71 -10.47
N PHE A 200 -8.38 -11.46 -11.52
CA PHE A 200 -7.12 -12.17 -11.69
C PHE A 200 -6.17 -11.86 -10.54
N ASN A 201 -6.10 -10.60 -10.14
CA ASN A 201 -5.16 -10.19 -9.10
C ASN A 201 -5.53 -10.80 -7.75
N ILE A 202 -6.83 -10.86 -7.44
CA ILE A 202 -7.26 -11.48 -6.19
C ILE A 202 -6.90 -12.96 -6.18
N ALA A 203 -7.14 -13.66 -7.28
CA ALA A 203 -6.75 -15.08 -7.36
C ALA A 203 -5.25 -15.24 -7.18
N SER A 204 -4.45 -14.37 -7.79
CA SER A 204 -2.99 -14.47 -7.71
CA SER A 204 -3.00 -14.50 -7.71
C SER A 204 -2.51 -14.38 -6.27
N TYR A 205 -2.97 -13.35 -5.56
CA TYR A 205 -2.49 -13.12 -4.21
C TYR A 205 -3.10 -14.08 -3.20
N ALA A 206 -4.34 -14.54 -3.43
CA ALA A 206 -4.88 -15.58 -2.56
C ALA A 206 -4.10 -16.87 -2.72
N LEU A 207 -3.70 -17.19 -3.96
CA LEU A 207 -2.86 -18.36 -4.19
C LEU A 207 -1.53 -18.23 -3.47
N LEU A 208 -0.88 -17.07 -3.63
CA LEU A 208 0.39 -16.84 -2.93
C LEU A 208 0.23 -17.02 -1.43
N THR A 209 -0.88 -16.54 -0.87
CA THR A 209 -1.10 -16.68 0.57
C THR A 209 -1.16 -18.15 0.96
N HIS A 210 -1.87 -18.97 0.19
CA HIS A 210 -1.91 -20.41 0.47
C HIS A 210 -0.53 -21.03 0.38
N MET A 211 0.26 -20.66 -0.63
CA MET A 211 1.59 -21.23 -0.80
C MET A 211 2.50 -20.88 0.37
N ILE A 212 2.51 -19.62 0.76
CA ILE A 212 3.35 -19.21 1.90
C ILE A 212 2.85 -19.85 3.19
N ALA A 213 1.54 -19.91 3.37
CA ALA A 213 1.00 -20.56 4.57
C ALA A 213 1.48 -22.01 4.68
N GLN A 214 1.39 -22.75 3.58
CA GLN A 214 1.82 -24.15 3.60
C GLN A 214 3.30 -24.27 4.00
N VAL A 215 4.17 -23.50 3.37
CA VAL A 215 5.59 -23.69 3.65
C VAL A 215 5.96 -23.23 5.05
N CYS A 216 5.14 -22.41 5.67
CA CYS A 216 5.36 -21.97 7.05
C CYS A 216 4.58 -22.77 8.06
N GLY A 217 3.85 -23.80 7.64
CA GLY A 217 3.09 -24.62 8.56
C GLY A 217 1.88 -23.94 9.17
N LEU A 218 1.27 -22.98 8.47
CA LEU A 218 0.15 -22.22 8.96
C LEU A 218 -1.11 -22.56 8.18
N GLY A 219 -2.26 -22.28 8.79
CA GLY A 219 -3.51 -22.24 8.07
C GLY A 219 -3.67 -20.92 7.34
N VAL A 220 -4.78 -20.79 6.61
CA VAL A 220 -5.07 -19.56 5.90
C VAL A 220 -6.12 -18.74 6.66
N GLY A 221 -5.90 -17.44 6.70
CA GLY A 221 -6.82 -16.49 7.27
C GLY A 221 -7.61 -15.78 6.20
N ASP A 222 -7.49 -14.45 6.13
CA ASP A 222 -8.23 -13.64 5.17
C ASP A 222 -7.26 -13.10 4.13
N PHE A 223 -7.76 -12.96 2.90
CA PHE A 223 -7.12 -12.08 1.93
C PHE A 223 -7.92 -10.77 1.88
N VAL A 224 -7.23 -9.66 2.10
CA VAL A 224 -7.84 -8.34 2.10
C VAL A 224 -7.36 -7.60 0.88
N TRP A 225 -8.30 -7.17 0.03
CA TRP A 225 -7.96 -6.44 -1.18
C TRP A 225 -8.28 -4.97 -0.96
N THR A 226 -7.28 -4.11 -1.17
CA THR A 226 -7.47 -2.67 -1.03
C THR A 226 -7.10 -1.99 -2.34
N GLY A 227 -7.99 -1.13 -2.82
CA GLY A 227 -7.77 -0.41 -4.06
C GLY A 227 -7.54 1.07 -3.86
N GLY A 228 -6.68 1.62 -4.70
CA GLY A 228 -6.54 3.06 -4.84
C GLY A 228 -7.49 3.55 -5.90
N ASP A 229 -6.98 3.88 -7.09
CA ASP A 229 -7.84 4.32 -8.20
C ASP A 229 -8.53 3.08 -8.76
N THR A 230 -9.80 2.90 -8.41
CA THR A 230 -10.55 1.68 -8.67
C THR A 230 -11.62 2.02 -9.70
N HIS A 231 -11.45 1.53 -10.92
CA HIS A 231 -12.20 2.09 -12.06
C HIS A 231 -12.79 1.00 -12.95
N LEU A 232 -13.80 1.42 -13.70
CA LEU A 232 -14.48 0.60 -14.68
C LEU A 232 -14.54 1.42 -15.96
N TYR A 233 -13.99 0.88 -17.04
CA TYR A 233 -14.04 1.56 -18.32
C TYR A 233 -15.43 1.47 -18.94
N ALA A 234 -15.80 2.53 -19.64
CA ALA A 234 -17.16 2.68 -20.12
C ALA A 234 -17.53 1.67 -21.19
N ASN A 235 -16.54 1.10 -21.88
CA ASN A 235 -16.82 0.01 -22.81
C ASN A 235 -17.10 -1.32 -22.11
N HIS A 236 -17.05 -1.37 -20.79
CA HIS A 236 -17.38 -2.55 -20.01
C HIS A 236 -18.61 -2.36 -19.12
N PHE A 237 -19.30 -1.23 -19.21
CA PHE A 237 -20.48 -1.04 -18.37
C PHE A 237 -21.53 -2.12 -18.64
N GLU A 238 -21.79 -2.42 -19.91
CA GLU A 238 -22.81 -3.42 -20.22
C GLU A 238 -22.37 -4.81 -19.76
N GLN A 239 -21.11 -5.17 -19.99
CA GLN A 239 -20.64 -6.46 -19.53
C GLN A 239 -20.66 -6.54 -18.03
N ALA A 240 -20.40 -5.42 -17.34
CA ALA A 240 -20.48 -5.42 -15.88
C ALA A 240 -21.91 -5.63 -15.42
N LYS A 241 -22.87 -4.98 -16.08
CA LYS A 241 -24.28 -5.19 -15.75
CA LYS A 241 -24.27 -5.19 -15.74
C LYS A 241 -24.68 -6.64 -15.98
N LEU A 242 -24.16 -7.26 -17.03
CA LEU A 242 -24.43 -8.68 -17.28
C LEU A 242 -23.88 -9.55 -16.15
N GLN A 243 -22.66 -9.25 -15.69
CA GLN A 243 -22.10 -10.01 -14.57
C GLN A 243 -22.98 -9.89 -13.34
N LEU A 244 -23.58 -8.72 -13.13
CA LEU A 244 -24.40 -8.51 -11.96
C LEU A 244 -25.66 -9.36 -12.00
N THR A 245 -26.12 -9.75 -13.18
CA THR A 245 -27.35 -10.51 -13.35
C THR A 245 -27.09 -12.00 -13.63
N ARG A 246 -25.84 -12.43 -13.60
CA ARG A 246 -25.49 -13.80 -13.94
C ARG A 246 -25.85 -14.74 -12.81
N GLU A 247 -26.15 -15.99 -13.17
CA GLU A 247 -26.40 -17.02 -12.17
C GLU A 247 -25.14 -17.23 -11.32
N PRO A 248 -25.30 -17.64 -10.06
CA PRO A 248 -24.13 -17.84 -9.21
C PRO A 248 -23.19 -18.90 -9.74
N LEU A 249 -21.91 -18.69 -9.52
CA LEU A 249 -20.82 -19.59 -9.79
C LEU A 249 -20.64 -20.54 -8.62
N PRO A 250 -20.15 -21.76 -8.86
CA PRO A 250 -19.95 -22.70 -7.76
C PRO A 250 -18.77 -22.26 -6.90
N LEU A 251 -18.76 -22.77 -5.67
CA LEU A 251 -17.59 -22.62 -4.83
C LEU A 251 -16.50 -23.54 -5.34
N CYS A 252 -15.25 -23.11 -5.14
CA CYS A 252 -14.13 -23.99 -5.42
C CYS A 252 -13.10 -23.82 -4.33
N GLN A 253 -12.11 -24.70 -4.34
CA GLN A 253 -11.06 -24.64 -3.34
C GLN A 253 -9.73 -25.00 -3.99
N LEU A 254 -8.68 -24.49 -3.40
CA LEU A 254 -7.33 -24.76 -3.86
C LEU A 254 -6.84 -26.08 -3.27
N LYS A 255 -6.07 -26.83 -4.06
CA LYS A 255 -5.40 -28.03 -3.60
C LYS A 255 -3.93 -27.90 -3.96
N LEU A 256 -3.06 -27.92 -2.94
CA LEU A 256 -1.62 -27.83 -3.13
C LEU A 256 -0.98 -29.16 -2.81
N ASN A 257 0.08 -29.49 -3.55
CA ASN A 257 0.88 -30.66 -3.24
C ASN A 257 1.42 -30.47 -1.83
N PRO A 258 1.03 -31.31 -0.87
CA PRO A 258 1.48 -31.09 0.52
C PRO A 258 2.95 -31.34 0.74
N GLU A 259 3.64 -31.96 -0.21
CA GLU A 259 5.06 -32.25 0.00
C GLU A 259 5.96 -31.06 -0.27
N VAL A 260 5.46 -29.98 -0.84
CA VAL A 260 6.30 -28.82 -1.13
C VAL A 260 6.56 -28.07 0.18
N LYS A 261 7.84 -27.87 0.51
CA LYS A 261 8.25 -27.27 1.77
C LYS A 261 8.98 -25.95 1.60
N ASP A 262 9.10 -25.46 0.37
CA ASP A 262 9.97 -24.34 0.02
C ASP A 262 9.20 -23.51 -1.00
N ILE A 263 9.06 -22.21 -0.72
CA ILE A 263 8.24 -21.35 -1.57
C ILE A 263 8.76 -21.33 -3.01
N PHE A 264 10.04 -21.60 -3.21
CA PHE A 264 10.64 -21.54 -4.55
C PHE A 264 10.62 -22.89 -5.25
N ASP A 265 10.02 -23.90 -4.63
CA ASP A 265 9.98 -25.26 -5.15
C ASP A 265 8.60 -25.67 -5.62
N PHE A 266 7.67 -24.73 -5.77
CA PHE A 266 6.38 -25.07 -6.37
C PHE A 266 6.52 -25.12 -7.88
N LYS A 267 5.85 -26.10 -8.48
CA LYS A 267 5.74 -26.22 -9.92
C LYS A 267 4.27 -26.11 -10.27
N PHE A 268 4.00 -25.87 -11.56
CA PHE A 268 2.63 -25.68 -12.02
C PHE A 268 1.74 -26.84 -11.60
N GLU A 269 2.24 -28.07 -11.69
CA GLU A 269 1.41 -29.24 -11.41
C GLU A 269 1.13 -29.42 -9.93
N ASP A 270 1.79 -28.67 -9.06
CA ASP A 270 1.55 -28.73 -7.62
C ASP A 270 0.31 -27.97 -7.19
N ILE A 271 -0.34 -27.24 -8.11
CA ILE A 271 -1.35 -26.27 -7.75
C ILE A 271 -2.57 -26.52 -8.62
N GLU A 272 -3.71 -26.82 -8.00
CA GLU A 272 -4.92 -27.07 -8.78
C GLU A 272 -6.14 -26.52 -8.06
N ILE A 273 -7.19 -26.28 -8.85
CA ILE A 273 -8.50 -25.90 -8.34
C ILE A 273 -9.38 -27.14 -8.37
N VAL A 274 -10.09 -27.39 -7.27
CA VAL A 274 -11.03 -28.50 -7.17
C VAL A 274 -12.35 -28.00 -6.60
N GLY A 275 -13.35 -28.89 -6.59
CA GLY A 275 -14.62 -28.54 -6.00
C GLY A 275 -14.53 -28.36 -4.50
N TYR A 276 -15.37 -27.47 -3.98
CA TYR A 276 -15.39 -27.17 -2.55
C TYR A 276 -16.01 -28.31 -1.74
N HIS B 7 -19.29 13.13 11.82
CA HIS B 7 -19.16 11.96 10.95
C HIS B 7 -17.76 11.37 11.02
N HIS B 8 -16.76 12.25 11.15
CA HIS B 8 -15.37 11.77 11.25
C HIS B 8 -15.18 10.93 12.50
N MET B 9 -15.67 11.40 13.64
CA MET B 9 -15.55 10.59 14.86
C MET B 9 -16.29 9.27 14.76
N ARG B 10 -17.38 9.23 13.98
CA ARG B 10 -18.16 8.00 13.85
C ARG B 10 -17.34 6.89 13.20
N ALA B 11 -16.63 7.21 12.11
CA ALA B 11 -15.76 6.20 11.51
C ALA B 11 -14.72 5.72 12.50
N TYR B 12 -14.15 6.63 13.27
CA TYR B 12 -13.12 6.24 14.23
C TYR B 12 -13.71 5.45 15.38
N LEU B 13 -14.87 5.87 15.90
CA LEU B 13 -15.52 5.10 16.95
C LEU B 13 -15.93 3.71 16.45
N ASP B 14 -16.36 3.63 15.19
CA ASP B 14 -16.69 2.34 14.61
C ASP B 14 -15.48 1.40 14.59
N LEU B 15 -14.29 1.95 14.32
CA LEU B 15 -13.07 1.15 14.35
C LEU B 15 -12.78 0.65 15.77
N LEU B 16 -12.90 1.52 16.76
CA LEU B 16 -12.70 1.10 18.15
C LEU B 16 -13.67 -0.02 18.49
N GLN B 17 -14.95 0.17 18.16
CA GLN B 17 -15.96 -0.84 18.46
C GLN B 17 -15.63 -2.16 17.76
N HIS B 18 -15.17 -2.08 16.51
CA HIS B 18 -14.82 -3.29 15.77
C HIS B 18 -13.68 -4.06 16.44
N ILE B 19 -12.63 -3.34 16.86
CA ILE B 19 -11.51 -4.00 17.53
C ILE B 19 -11.94 -4.58 18.86
N LEU B 20 -12.76 -3.85 19.61
CA LEU B 20 -13.21 -4.35 20.91
C LEU B 20 -14.06 -5.61 20.74
N ASP B 21 -14.93 -5.62 19.73
CA ASP B 21 -15.87 -6.71 19.56
C ASP B 21 -15.24 -7.92 18.87
N ASN B 22 -14.72 -7.71 17.68
CA ASN B 22 -14.27 -8.80 16.82
C ASN B 22 -12.75 -8.88 16.70
N GLY B 23 -12.03 -8.15 17.53
CA GLY B 23 -10.58 -8.16 17.43
C GLY B 23 -9.97 -9.42 18.03
N GLY B 24 -8.98 -9.96 17.33
CA GLY B 24 -8.26 -11.11 17.85
C GLY B 24 -7.26 -10.71 18.92
N ASP B 25 -7.02 -11.63 19.85
CA ASP B 25 -6.16 -11.35 20.99
C ASP B 25 -4.78 -11.95 20.78
N LYS B 26 -3.76 -11.23 21.22
CA LYS B 26 -2.39 -11.71 21.17
C LYS B 26 -1.69 -11.47 22.50
N GLY B 33 -1.67 -7.08 26.95
CA GLY B 33 -1.86 -7.64 25.62
C GLY B 33 -2.53 -6.67 24.66
N THR B 34 -2.71 -7.11 23.42
CA THR B 34 -3.40 -6.30 22.41
C THR B 34 -4.57 -7.08 21.85
N ARG B 35 -5.59 -6.34 21.44
CA ARG B 35 -6.63 -6.83 20.55
C ARG B 35 -6.40 -6.16 19.21
N SER B 36 -6.58 -6.92 18.12
CA SER B 36 -6.20 -6.37 16.83
C SER B 36 -7.02 -6.98 15.71
N VAL B 37 -7.15 -6.20 14.63
CA VAL B 37 -7.70 -6.68 13.38
C VAL B 37 -6.66 -6.39 12.32
N PHE B 38 -6.75 -7.11 11.22
CA PHE B 38 -5.85 -6.92 10.11
C PHE B 38 -6.68 -6.50 8.91
N GLY B 39 -6.41 -5.31 8.38
CA GLY B 39 -7.16 -4.81 7.26
C GLY B 39 -8.38 -4.05 7.72
N HIS B 40 -8.32 -2.73 7.58
CA HIS B 40 -9.46 -1.89 7.90
C HIS B 40 -9.35 -0.62 7.07
N GLN B 41 -10.48 0.05 6.86
CA GLN B 41 -10.47 1.26 6.05
C GLN B 41 -11.52 2.23 6.57
N MET B 42 -11.15 3.51 6.60
CA MET B 42 -12.04 4.60 7.01
C MET B 42 -11.88 5.73 6.01
N ARG B 43 -12.95 6.48 5.81
CA ARG B 43 -12.98 7.59 4.86
C ARG B 43 -13.45 8.84 5.59
N PHE B 44 -12.76 9.95 5.36
CA PHE B 44 -13.11 11.25 5.94
C PHE B 44 -13.27 12.25 4.82
N ASP B 45 -14.46 12.83 4.71
CA ASP B 45 -14.71 13.90 3.76
C ASP B 45 -14.10 15.19 4.32
N LEU B 46 -13.00 15.63 3.71
CA LEU B 46 -12.27 16.78 4.24
C LEU B 46 -13.03 18.09 4.08
N SER B 47 -14.06 18.12 3.22
CA SER B 47 -14.89 19.31 3.10
C SER B 47 -15.85 19.47 4.27
N LYS B 48 -16.03 18.42 5.07
CA LYS B 48 -16.93 18.48 6.21
C LYS B 48 -16.26 19.02 7.46
N GLY B 49 -14.94 19.10 7.47
CA GLY B 49 -14.21 19.53 8.66
C GLY B 49 -12.89 18.79 8.73
N PHE B 50 -11.99 19.27 9.55
CA PHE B 50 -10.70 18.62 9.64
C PHE B 50 -10.77 17.46 10.63
N PRO B 51 -10.33 16.26 10.25
CA PRO B 51 -10.44 15.09 11.14
C PRO B 51 -9.36 15.06 12.21
N LEU B 52 -9.51 15.94 13.20
CA LEU B 52 -8.61 15.96 14.33
C LEU B 52 -8.88 14.82 15.29
N LEU B 53 -10.09 14.24 15.24
CA LEU B 53 -10.47 13.13 16.12
C LEU B 53 -10.16 13.44 17.57
N THR B 54 -9.34 12.61 18.21
CA THR B 54 -9.05 12.76 19.63
C THR B 54 -7.73 13.45 19.92
N THR B 55 -6.97 13.84 18.90
CA THR B 55 -5.71 14.54 19.14
C THR B 55 -5.99 15.89 19.77
N LYS B 56 -5.39 16.15 20.93
CA LYS B 56 -5.57 17.42 21.62
C LYS B 56 -4.83 18.53 20.87
N LYS B 57 -5.30 19.76 21.04
CA LYS B 57 -4.70 20.90 20.36
C LYS B 57 -3.20 21.00 20.64
N VAL B 58 -2.76 20.51 21.80
CA VAL B 58 -1.33 20.53 22.12
C VAL B 58 -0.56 19.67 21.13
N HIS B 59 -1.07 18.48 20.82
CA HIS B 59 -0.40 17.59 19.88
C HIS B 59 -0.36 18.17 18.46
N PHE B 60 -1.27 19.06 18.09
CA PHE B 60 -1.29 19.56 16.72
C PHE B 60 0.02 20.27 16.38
N ARG B 61 0.59 21.02 17.34
CA ARG B 61 1.85 21.68 17.10
C ARG B 61 2.94 20.69 16.68
N SER B 62 3.02 19.56 17.38
CA SER B 62 4.02 18.54 17.06
C SER B 62 3.73 17.90 15.70
N ILE B 63 2.45 17.70 15.37
CA ILE B 63 2.08 17.16 14.06
C ILE B 63 2.59 18.06 12.95
N VAL B 64 2.35 19.36 13.08
CA VAL B 64 2.77 20.30 12.05
C VAL B 64 4.28 20.31 11.90
N ILE B 65 5.00 20.49 13.01
CA ILE B 65 6.46 20.59 12.95
CA ILE B 65 6.45 20.60 12.93
C ILE B 65 7.06 19.32 12.40
N GLU B 66 6.55 18.17 12.83
CA GLU B 66 7.05 16.90 12.30
C GLU B 66 6.83 16.80 10.80
N LEU B 67 5.66 17.21 10.30
CA LEU B 67 5.41 17.12 8.86
C LEU B 67 6.33 18.04 8.08
N LEU B 68 6.56 19.26 8.59
CA LEU B 68 7.50 20.15 7.91
C LEU B 68 8.88 19.55 7.88
N TRP B 69 9.27 18.85 8.95
CA TRP B 69 10.54 18.16 9.01
C TRP B 69 10.61 17.06 7.95
N PHE B 70 9.58 16.23 7.85
CA PHE B 70 9.53 15.23 6.78
C PHE B 70 9.75 15.87 5.41
N LEU B 71 9.00 16.96 5.14
CA LEU B 71 9.04 17.57 3.82
C LEU B 71 10.41 18.13 3.48
N LYS B 72 11.18 18.57 4.48
CA LYS B 72 12.52 19.07 4.23
C LYS B 72 13.49 17.95 3.85
N GLY B 73 13.14 16.70 4.12
CA GLY B 73 14.00 15.58 3.83
C GLY B 73 15.06 15.37 4.87
N ASP B 74 14.91 16.06 5.98
CA ASP B 74 15.87 16.04 7.08
CA ASP B 74 15.93 15.99 7.01
C ASP B 74 15.68 14.77 7.89
N THR B 75 16.77 14.12 8.25
CA THR B 75 16.67 13.00 9.15
C THR B 75 17.52 13.19 10.39
N ASN B 76 18.14 14.36 10.55
CA ASN B 76 18.72 14.76 11.81
C ASN B 76 17.62 15.45 12.62
N VAL B 77 17.56 15.16 13.93
CA VAL B 77 16.47 15.66 14.76
C VAL B 77 16.63 17.11 15.18
N LYS B 78 17.71 17.80 14.79
CA LYS B 78 17.97 19.15 15.27
C LYS B 78 16.77 20.08 15.10
N TYR B 79 16.16 20.07 13.92
CA TYR B 79 15.03 20.95 13.66
C TYR B 79 13.88 20.67 14.62
N LEU B 80 13.60 19.40 14.90
CA LEU B 80 12.57 19.07 15.88
C LEU B 80 12.95 19.57 17.27
N GLN B 81 14.18 19.27 17.71
CA GLN B 81 14.57 19.65 19.06
C GLN B 81 14.60 21.16 19.23
N ASP B 82 15.03 21.89 18.20
CA ASP B 82 15.04 23.34 18.26
C ASP B 82 13.64 23.89 18.50
N ASN B 83 12.61 23.19 18.00
CA ASN B 83 11.22 23.59 18.11
C ASN B 83 10.50 22.89 19.25
N LYS B 84 11.25 22.26 20.17
CA LYS B 84 10.68 21.65 21.37
CA LYS B 84 10.70 21.64 21.37
C LYS B 84 9.77 20.48 21.06
N VAL B 85 10.01 19.80 19.94
CA VAL B 85 9.26 18.62 19.54
C VAL B 85 10.17 17.43 19.80
N THR B 86 9.79 16.58 20.75
CA THR B 86 10.66 15.53 21.26
C THR B 86 10.24 14.14 20.81
N ILE B 87 9.33 14.04 19.84
CA ILE B 87 8.71 12.79 19.41
CA ILE B 87 8.74 12.75 19.55
C ILE B 87 9.76 11.75 19.02
N TRP B 88 10.85 12.21 18.42
CA TRP B 88 11.85 11.29 17.89
C TRP B 88 13.08 11.18 18.77
N ASP B 89 13.08 11.82 19.94
CA ASP B 89 14.31 11.92 20.72
C ASP B 89 14.79 10.56 21.20
N GLU B 90 13.87 9.65 21.53
CA GLU B 90 14.27 8.35 22.07
C GLU B 90 15.16 7.58 21.11
N TRP B 91 14.97 7.77 19.81
CA TRP B 91 15.75 7.05 18.81
C TRP B 91 16.95 7.83 18.30
N ALA B 92 17.17 9.05 18.78
CA ALA B 92 18.25 9.89 18.28
C ALA B 92 19.41 10.02 19.25
N THR B 93 19.37 9.30 20.37
CA THR B 93 20.46 9.34 21.33
C THR B 93 21.71 8.67 20.74
N ALA B 94 22.86 9.04 21.31
CA ALA B 94 24.12 8.45 20.87
C ALA B 94 24.06 6.94 20.95
N GLU B 95 23.48 6.40 22.04
CA GLU B 95 23.36 4.95 22.18
C GLU B 95 22.54 4.35 21.06
N GLN B 96 21.43 5.00 20.68
CA GLN B 96 20.56 4.44 19.66
C GLN B 96 21.16 4.57 18.27
N THR B 97 21.73 5.73 17.95
CA THR B 97 22.30 5.89 16.62
C THR B 97 23.55 5.03 16.43
N ALA B 98 24.29 4.77 17.51
CA ALA B 98 25.48 3.92 17.41
C ALA B 98 25.13 2.51 16.93
N ARG B 99 23.92 2.02 17.25
CA ARG B 99 23.49 0.71 16.77
C ARG B 99 23.61 0.59 15.27
N PHE B 100 23.49 1.71 14.55
CA PHE B 100 23.55 1.72 13.10
C PHE B 100 24.80 2.42 12.56
N GLY B 101 25.78 2.68 13.42
CA GLY B 101 27.00 3.35 12.98
C GLY B 101 26.83 4.82 12.65
N ARG B 102 25.83 5.48 13.23
CA ARG B 102 25.54 6.87 12.89
C ARG B 102 25.81 7.79 14.06
N PRO B 103 26.14 9.06 13.80
CA PRO B 103 26.36 10.01 14.89
C PRO B 103 25.06 10.34 15.63
N GLU B 104 25.24 10.80 16.87
CA GLU B 104 24.14 11.29 17.67
C GLU B 104 23.25 12.23 16.84
N HIS B 105 21.94 12.09 17.01
CA HIS B 105 20.88 12.89 16.40
C HIS B 105 20.58 12.53 14.95
N GLU B 106 21.30 11.59 14.35
CA GLU B 106 21.07 11.17 12.98
C GLU B 106 20.25 9.89 12.99
N LEU B 107 19.01 9.97 12.51
CA LEU B 107 18.11 8.83 12.54
C LEU B 107 18.28 7.89 11.35
N GLY B 108 19.06 8.26 10.35
CA GLY B 108 19.21 7.42 9.19
C GLY B 108 18.06 7.58 8.23
N PRO B 109 17.85 6.56 7.39
CA PRO B 109 16.88 6.69 6.27
C PRO B 109 15.42 6.52 6.68
N VAL B 110 14.95 7.44 7.52
CA VAL B 110 13.56 7.49 7.94
C VAL B 110 12.78 8.31 6.92
N TYR B 111 11.57 8.75 7.28
CA TYR B 111 10.61 9.28 6.31
C TYR B 111 11.21 10.33 5.39
N GLY B 112 11.87 11.34 5.95
CA GLY B 112 12.36 12.44 5.11
C GLY B 112 13.27 11.98 4.01
N HIS B 113 14.14 11.01 4.30
CA HIS B 113 15.01 10.45 3.28
C HIS B 113 14.22 9.73 2.21
N GLN B 114 13.23 8.93 2.62
CA GLN B 114 12.41 8.21 1.63
C GLN B 114 11.63 9.17 0.75
N TRP B 115 11.07 10.23 1.35
CA TRP B 115 10.21 11.14 0.59
C TRP B 115 11.01 11.96 -0.42
N ARG B 116 12.21 12.40 -0.05
CA ARG B 116 12.96 13.36 -0.86
C ARG B 116 14.13 12.75 -1.62
N ASN B 117 14.54 11.52 -1.31
CA ASN B 117 15.83 11.03 -1.79
C ASN B 117 15.83 9.51 -1.79
N PHE B 118 14.72 8.90 -2.23
CA PHE B 118 14.57 7.45 -2.19
C PHE B 118 15.66 6.75 -2.99
N GLY B 119 16.31 5.76 -2.37
CA GLY B 119 17.26 4.94 -3.08
C GLY B 119 18.60 5.60 -3.35
N ALA B 120 18.89 6.73 -2.71
CA ALA B 120 20.18 7.37 -2.88
C ALA B 120 21.30 6.47 -2.38
N THR B 121 22.50 6.71 -2.91
CA THR B 121 23.71 6.02 -2.47
C THR B 121 24.39 6.81 -1.35
N LYS B 122 25.42 6.18 -0.76
CA LYS B 122 26.12 6.72 0.39
C LYS B 122 27.58 7.01 0.06
N ASN B 123 28.12 8.04 0.72
CA ASN B 123 29.56 8.22 0.78
C ASN B 123 30.17 7.22 1.76
N ALA B 124 31.50 7.16 1.78
CA ALA B 124 32.19 6.27 2.70
C ALA B 124 31.82 6.59 4.15
N ASP B 125 31.69 7.87 4.48
CA ASP B 125 31.42 8.27 5.85
C ASP B 125 29.97 8.04 6.27
N GLY B 126 29.14 7.48 5.39
CA GLY B 126 27.76 7.20 5.71
C GLY B 126 26.78 8.29 5.34
N THR B 127 27.25 9.46 4.90
CA THR B 127 26.34 10.50 4.48
C THR B 127 25.79 10.18 3.09
N TYR B 128 24.51 10.50 2.87
CA TYR B 128 23.88 10.19 1.59
C TYR B 128 24.24 11.24 0.54
N ASN B 129 24.46 10.76 -0.68
CA ASN B 129 24.42 11.63 -1.83
C ASN B 129 22.97 11.97 -2.14
N GLN B 130 22.76 13.03 -2.89
CA GLN B 130 21.40 13.40 -3.31
C GLN B 130 21.09 12.86 -4.70
N ASP B 131 21.38 11.57 -4.91
CA ASP B 131 21.15 10.91 -6.18
C ASP B 131 19.95 9.97 -6.15
N GLY B 132 19.12 10.07 -5.12
CA GLY B 132 17.89 9.32 -5.04
C GLY B 132 16.76 10.05 -5.69
N PHE B 133 15.57 9.52 -5.52
CA PHE B 133 14.37 10.01 -6.21
C PHE B 133 13.57 10.92 -5.29
N ASP B 134 13.35 12.16 -5.73
CA ASP B 134 12.58 13.13 -4.96
C ASP B 134 11.11 12.90 -5.28
N GLN B 135 10.47 12.09 -4.44
CA GLN B 135 9.09 11.72 -4.69
C GLN B 135 8.15 12.90 -4.50
N ILE B 136 8.47 13.82 -3.58
CA ILE B 136 7.58 14.94 -3.35
C ILE B 136 7.60 15.90 -4.53
N LYS B 137 8.79 16.26 -5.01
CA LYS B 137 8.87 17.15 -6.16
C LYS B 137 8.19 16.54 -7.38
N TRP B 138 8.42 15.25 -7.62
CA TRP B 138 7.78 14.59 -8.75
C TRP B 138 6.27 14.64 -8.59
N LEU B 139 5.79 14.37 -7.37
CA LEU B 139 4.34 14.32 -7.12
C LEU B 139 3.67 15.65 -7.42
N ILE B 140 4.22 16.75 -6.90
CA ILE B 140 3.62 18.06 -7.15
C ILE B 140 3.49 18.31 -8.65
N ASN B 141 4.57 18.06 -9.40
CA ASN B 141 4.52 18.28 -10.83
C ASN B 141 3.50 17.38 -11.50
N GLU B 142 3.40 16.13 -11.04
CA GLU B 142 2.46 15.20 -11.66
C GLU B 142 1.01 15.59 -11.38
N ILE B 143 0.71 16.06 -10.16
CA ILE B 143 -0.65 16.51 -9.88
C ILE B 143 -1.01 17.68 -10.77
N LYS B 144 -0.09 18.63 -10.95
CA LYS B 144 -0.37 19.82 -11.73
C LYS B 144 -0.53 19.51 -13.22
N THR B 145 0.28 18.59 -13.74
CA THR B 145 0.34 18.37 -15.18
C THR B 145 -0.41 17.12 -15.64
N ASN B 146 -0.66 16.19 -14.74
CA ASN B 146 -1.30 14.93 -15.11
C ASN B 146 -2.16 14.45 -13.94
N PRO B 147 -3.17 15.23 -13.55
CA PRO B 147 -3.93 14.87 -12.33
C PRO B 147 -4.64 13.54 -12.38
N ASN B 148 -4.91 13.00 -13.57
CA ASN B 148 -5.53 11.69 -13.66
C ASN B 148 -4.55 10.54 -13.57
N SER B 149 -3.27 10.82 -13.37
CA SER B 149 -2.30 9.77 -13.14
C SER B 149 -2.80 8.80 -12.07
N ARG B 150 -2.63 7.51 -12.31
CA ARG B 150 -2.96 6.50 -11.32
C ARG B 150 -1.77 6.08 -10.50
N ARG B 151 -0.69 6.87 -10.52
CA ARG B 151 0.48 6.56 -9.71
C ARG B 151 0.99 7.81 -9.01
N LEU B 152 0.09 8.61 -8.45
CA LEU B 152 0.47 9.76 -7.63
C LEU B 152 0.85 9.24 -6.24
N ILE B 153 2.01 8.58 -6.17
CA ILE B 153 2.39 7.74 -5.04
C ILE B 153 3.65 8.28 -4.38
N VAL B 154 3.68 8.23 -3.05
CA VAL B 154 4.91 8.39 -2.28
C VAL B 154 5.08 7.15 -1.43
N SER B 155 6.21 6.45 -1.59
CA SER B 155 6.49 5.29 -0.75
C SER B 155 7.49 5.65 0.33
N GLY B 156 7.21 5.21 1.55
CA GLY B 156 8.16 5.29 2.63
C GLY B 156 8.95 4.01 2.85
N TRP B 157 8.84 3.04 1.96
CA TRP B 157 9.29 1.68 2.24
C TRP B 157 10.43 1.28 1.31
N ASN B 158 11.63 1.21 1.87
CA ASN B 158 12.74 0.60 1.14
C ASN B 158 13.17 -0.61 1.95
N PRO B 159 12.99 -1.84 1.45
CA PRO B 159 13.34 -3.01 2.27
C PRO B 159 14.80 -3.07 2.71
N ASN B 160 15.72 -2.51 1.90
CA ASN B 160 17.13 -2.43 2.24
C ASN B 160 17.39 -1.54 3.45
N GLU B 161 16.44 -0.67 3.79
CA GLU B 161 16.63 0.34 4.82
C GLU B 161 15.62 0.26 5.96
N ALA B 162 14.54 -0.49 5.79
CA ALA B 162 13.55 -0.61 6.86
C ALA B 162 14.15 -1.26 8.10
N GLY B 163 15.15 -2.12 7.94
CA GLY B 163 15.85 -2.72 9.06
C GLY B 163 17.08 -1.96 9.51
N GLN B 164 17.32 -0.78 8.92
CA GLN B 164 18.47 0.04 9.24
CA GLN B 164 18.47 0.05 9.23
C GLN B 164 18.08 1.30 10.02
N VAL B 165 16.87 1.31 10.58
CA VAL B 165 16.37 2.40 11.41
C VAL B 165 15.71 1.79 12.62
N ALA B 166 15.57 2.61 13.68
CA ALA B 166 15.02 2.08 14.93
C ALA B 166 13.58 1.65 14.75
N LEU B 167 12.81 2.43 13.99
CA LEU B 167 11.38 2.18 13.79
C LEU B 167 11.14 2.09 12.30
N PRO B 168 10.96 0.89 11.74
CA PRO B 168 10.58 0.79 10.32
C PRO B 168 9.35 1.62 10.04
N PRO B 169 9.33 2.36 8.95
CA PRO B 169 8.23 3.29 8.68
C PRO B 169 6.82 2.70 8.82
N CYS B 170 6.02 3.30 9.71
CA CYS B 170 4.66 2.83 9.98
C CYS B 170 3.70 3.34 8.92
N HIS B 171 3.98 4.54 8.39
CA HIS B 171 3.18 5.15 7.33
C HIS B 171 3.89 4.78 6.05
N THR B 172 3.44 3.67 5.49
CA THR B 172 4.27 2.91 4.59
C THR B 172 4.21 3.46 3.17
N LEU B 173 3.04 3.93 2.75
CA LEU B 173 2.90 4.41 1.39
C LEU B 173 1.62 5.24 1.37
N PHE B 174 1.60 6.27 0.54
CA PHE B 174 0.38 7.04 0.38
C PHE B 174 0.22 7.43 -1.08
N GLN B 175 -1.03 7.68 -1.46
CA GLN B 175 -1.39 7.92 -2.85
C GLN B 175 -2.43 9.03 -2.94
N PHE B 176 -2.36 9.82 -4.00
CA PHE B 176 -3.31 10.90 -4.23
C PHE B 176 -4.18 10.60 -5.45
N PHE B 177 -5.24 11.39 -5.57
CA PHE B 177 -6.28 11.16 -6.57
C PHE B 177 -6.99 12.49 -6.76
N VAL B 178 -7.37 12.79 -8.00
CA VAL B 178 -8.06 14.05 -8.30
C VAL B 178 -9.37 13.75 -9.01
N GLN B 179 -10.46 14.30 -8.50
CA GLN B 179 -11.76 14.22 -9.16
C GLN B 179 -12.46 15.56 -8.97
N ASP B 180 -12.94 16.14 -10.07
CA ASP B 180 -13.65 17.41 -10.02
C ASP B 180 -12.83 18.48 -9.29
N ASN B 181 -11.54 18.55 -9.61
CA ASN B 181 -10.62 19.52 -9.01
C ASN B 181 -10.53 19.42 -7.50
N LYS B 182 -10.77 18.22 -6.95
CA LYS B 182 -10.62 17.98 -5.52
C LYS B 182 -9.60 16.88 -5.32
N LEU B 183 -8.68 17.10 -4.39
CA LEU B 183 -7.59 16.17 -4.12
C LEU B 183 -7.97 15.24 -2.97
N SER B 184 -7.91 13.94 -3.22
CA SER B 184 -8.03 12.92 -2.17
C SER B 184 -6.68 12.28 -1.93
N CYS B 185 -6.57 11.63 -0.77
CA CYS B 185 -5.33 10.95 -0.37
C CYS B 185 -5.71 9.67 0.37
N GLN B 186 -4.97 8.59 0.10
CA GLN B 186 -5.11 7.33 0.83
C GLN B 186 -3.77 6.98 1.44
N LEU B 187 -3.77 6.66 2.73
CA LEU B 187 -2.59 6.24 3.47
C LEU B 187 -2.67 4.75 3.75
N TYR B 188 -1.59 4.03 3.46
CA TYR B 188 -1.45 2.63 3.90
C TYR B 188 -0.56 2.61 5.12
N GLN B 189 -1.13 2.22 6.26
CA GLN B 189 -0.40 2.18 7.53
C GLN B 189 -0.20 0.71 7.93
N ARG B 190 1.06 0.25 7.89
CA ARG B 190 1.32 -1.17 8.15
C ARG B 190 0.95 -1.57 9.58
N SER B 191 1.06 -0.65 10.52
CA SER B 191 0.85 -0.98 11.91
C SER B 191 0.40 0.31 12.58
N ALA B 192 -0.58 0.19 13.47
CA ALA B 192 -1.18 1.37 14.04
C ALA B 192 -1.74 1.06 15.40
N ASP B 193 -1.35 1.82 16.41
CA ASP B 193 -2.06 1.78 17.68
CA ASP B 193 -2.06 1.78 17.68
CA ASP B 193 -2.04 1.80 17.69
C ASP B 193 -3.26 2.71 17.58
N VAL B 194 -4.46 2.15 17.76
CA VAL B 194 -5.68 2.87 17.46
C VAL B 194 -5.90 4.06 18.40
N PHE B 195 -5.36 4.00 19.63
CA PHE B 195 -5.75 5.01 20.60
C PHE B 195 -5.01 6.33 20.41
N LEU B 196 -3.72 6.27 20.11
CA LEU B 196 -2.94 7.48 19.91
C LEU B 196 -2.39 7.59 18.50
N GLY B 197 -1.78 6.53 17.97
CA GLY B 197 -1.15 6.62 16.67
C GLY B 197 -2.13 7.00 15.57
N VAL B 198 -3.23 6.26 15.47
CA VAL B 198 -4.17 6.50 14.39
C VAL B 198 -4.66 7.94 14.32
N PRO B 199 -5.16 8.55 15.39
CA PRO B 199 -5.59 9.96 15.28
C PRO B 199 -4.47 10.90 14.86
N PHE B 200 -3.27 10.72 15.42
CA PHE B 200 -2.13 11.56 15.08
C PHE B 200 -1.83 11.46 13.59
N ASN B 201 -1.81 10.24 13.07
CA ASN B 201 -1.40 10.04 11.68
C ASN B 201 -2.49 10.48 10.71
N ILE B 202 -3.76 10.34 11.07
CA ILE B 202 -4.83 10.88 10.24
C ILE B 202 -4.68 12.39 10.13
N ALA B 203 -4.44 13.06 11.25
CA ALA B 203 -4.26 14.51 11.21
C ALA B 203 -3.05 14.88 10.35
N SER B 204 -1.95 14.14 10.49
CA SER B 204 -0.75 14.46 9.73
CA SER B 204 -0.74 14.44 9.72
C SER B 204 -1.02 14.41 8.23
N TYR B 205 -1.64 13.32 7.76
CA TYR B 205 -1.82 13.17 6.32
C TYR B 205 -2.99 13.98 5.79
N ALA B 206 -4.00 14.25 6.61
CA ALA B 206 -5.04 15.18 6.16
C ALA B 206 -4.47 16.58 6.02
N LEU B 207 -3.61 17.00 6.95
CA LEU B 207 -2.92 18.27 6.81
C LEU B 207 -2.10 18.31 5.53
N LEU B 208 -1.32 17.26 5.27
CA LEU B 208 -0.52 17.22 4.05
C LEU B 208 -1.41 17.35 2.82
N THR B 209 -2.57 16.69 2.85
CA THR B 209 -3.48 16.75 1.71
C THR B 209 -3.94 18.18 1.46
N HIS B 210 -4.29 18.90 2.53
CA HIS B 210 -4.66 20.31 2.39
C HIS B 210 -3.51 21.13 1.83
N MET B 211 -2.29 20.91 2.33
CA MET B 211 -1.15 21.69 1.85
C MET B 211 -0.89 21.45 0.38
N ILE B 212 -0.90 20.18 -0.04
CA ILE B 212 -0.68 19.85 -1.44
C ILE B 212 -1.82 20.38 -2.30
N ALA B 213 -3.06 20.26 -1.82
CA ALA B 213 -4.19 20.79 -2.58
C ALA B 213 -4.03 22.28 -2.84
N GLN B 214 -3.66 23.04 -1.81
CA GLN B 214 -3.50 24.48 -1.99
C GLN B 214 -2.42 24.80 -3.03
N VAL B 215 -1.26 24.14 -2.94
CA VAL B 215 -0.17 24.48 -3.85
C VAL B 215 -0.49 24.10 -5.29
N CYS B 216 -1.39 23.13 -5.51
CA CYS B 216 -1.82 22.73 -6.84
C CYS B 216 -3.11 23.40 -7.27
N GLY B 217 -3.66 24.30 -6.48
CA GLY B 217 -4.87 25.02 -6.86
C GLY B 217 -6.12 24.17 -6.82
N LEU B 218 -6.15 23.15 -5.97
CA LEU B 218 -7.26 22.20 -5.91
C LEU B 218 -8.01 22.34 -4.61
N GLY B 219 -9.26 21.87 -4.61
CA GLY B 219 -10.00 21.68 -3.39
C GLY B 219 -9.61 20.36 -2.75
N VAL B 220 -10.27 20.05 -1.64
CA VAL B 220 -10.00 18.80 -0.92
C VAL B 220 -11.17 17.84 -1.11
N GLY B 221 -10.82 16.56 -1.27
CA GLY B 221 -11.78 15.48 -1.37
C GLY B 221 -11.82 14.67 -0.10
N ASP B 222 -11.46 13.39 -0.19
CA ASP B 222 -11.49 12.51 0.96
C ASP B 222 -10.08 12.18 1.41
N PHE B 223 -9.92 11.94 2.70
CA PHE B 223 -8.77 11.23 3.20
C PHE B 223 -9.20 9.81 3.55
N VAL B 224 -8.53 8.81 2.97
CA VAL B 224 -8.85 7.41 3.19
C VAL B 224 -7.72 6.81 4.00
N TRP B 225 -8.04 6.30 5.17
CA TRP B 225 -7.07 5.63 6.02
C TRP B 225 -7.23 4.13 5.85
N THR B 226 -6.14 3.44 5.51
CA THR B 226 -6.13 1.99 5.39
C THR B 226 -5.09 1.42 6.35
N GLY B 227 -5.54 0.51 7.21
CA GLY B 227 -4.67 -0.13 8.17
C GLY B 227 -4.31 -1.55 7.81
N GLY B 228 -3.07 -1.92 8.11
CA GLY B 228 -2.67 -3.32 8.18
C GLY B 228 -2.97 -3.86 9.56
N ASP B 229 -1.94 -4.05 10.38
CA ASP B 229 -2.09 -4.51 11.75
C ASP B 229 -2.59 -3.36 12.59
N THR B 230 -3.85 -3.42 13.01
CA THR B 230 -4.51 -2.30 13.68
C THR B 230 -4.89 -2.79 15.06
N HIS B 231 -4.26 -2.26 16.10
CA HIS B 231 -4.33 -2.85 17.44
C HIS B 231 -4.67 -1.83 18.52
N LEU B 232 -5.18 -2.36 19.63
CA LEU B 232 -5.52 -1.59 20.81
C LEU B 232 -4.85 -2.27 21.99
N TYR B 233 -4.05 -1.50 22.74
CA TYR B 233 -3.36 -2.07 23.90
C TYR B 233 -4.33 -2.26 25.07
N ALA B 234 -4.04 -3.25 25.90
CA ALA B 234 -4.91 -3.58 27.03
C ALA B 234 -5.10 -2.39 27.96
N ASN B 235 -4.06 -1.59 28.15
CA ASN B 235 -4.14 -0.42 29.03
C ASN B 235 -5.02 0.70 28.45
N HIS B 236 -5.55 0.55 27.24
CA HIS B 236 -6.49 1.50 26.68
C HIS B 236 -7.89 0.94 26.50
N PHE B 237 -8.14 -0.31 26.91
CA PHE B 237 -9.45 -0.92 26.70
C PHE B 237 -10.56 -0.10 27.33
N GLU B 238 -10.39 0.27 28.60
CA GLU B 238 -11.46 0.95 29.31
C GLU B 238 -11.69 2.36 28.78
N GLN B 239 -10.60 3.08 28.48
CA GLN B 239 -10.74 4.40 27.87
C GLN B 239 -11.43 4.32 26.51
N ALA B 240 -11.08 3.31 25.71
CA ALA B 240 -11.71 3.16 24.40
C ALA B 240 -13.20 2.88 24.54
N LYS B 241 -13.58 2.00 25.47
CA LYS B 241 -14.99 1.70 25.68
C LYS B 241 -15.77 2.97 26.02
N LEU B 242 -15.22 3.81 26.89
CA LEU B 242 -15.93 5.01 27.30
C LEU B 242 -15.91 6.10 26.24
N GLN B 243 -14.92 6.06 25.33
CA GLN B 243 -14.90 7.05 24.26
C GLN B 243 -16.12 6.92 23.35
N LEU B 244 -16.67 5.71 23.26
CA LEU B 244 -17.86 5.50 22.43
C LEU B 244 -19.06 6.23 23.00
N THR B 245 -19.11 6.42 24.32
CA THR B 245 -20.26 7.06 24.96
C THR B 245 -20.18 8.58 24.94
N ARG B 246 -18.95 9.13 24.90
CA ARG B 246 -18.80 10.58 25.02
CA ARG B 246 -18.81 10.58 25.02
C ARG B 246 -19.53 11.32 23.90
N GLU B 247 -19.53 10.76 22.70
CA GLU B 247 -20.23 11.35 21.54
C GLU B 247 -19.86 12.81 21.31
N PRO B 250 -16.93 17.21 17.64
CA PRO B 250 -16.91 18.61 17.22
C PRO B 250 -15.69 18.93 16.37
N LEU B 251 -15.75 18.58 15.08
CA LEU B 251 -14.61 18.74 14.21
C LEU B 251 -14.22 20.22 14.07
N CYS B 252 -12.93 20.44 13.86
CA CYS B 252 -12.37 21.78 13.69
C CYS B 252 -12.23 22.08 12.20
N GLN B 253 -11.64 23.24 11.91
CA GLN B 253 -11.37 23.65 10.54
C GLN B 253 -9.91 24.04 10.42
N LEU B 254 -9.30 23.64 9.31
CA LEU B 254 -7.92 24.00 9.03
C LEU B 254 -7.88 25.33 8.30
N LYS B 255 -6.91 26.17 8.66
CA LYS B 255 -6.70 27.45 7.99
C LYS B 255 -5.24 27.50 7.57
N LEU B 256 -5.00 27.74 6.29
CA LEU B 256 -3.65 27.85 5.76
C LEU B 256 -3.43 29.27 5.25
N ASN B 257 -2.21 29.76 5.40
CA ASN B 257 -1.85 31.03 4.79
C ASN B 257 -2.01 30.89 3.28
N PRO B 258 -2.93 31.64 2.65
CA PRO B 258 -3.21 31.43 1.22
C PRO B 258 -2.07 31.86 0.31
N GLU B 259 -1.08 32.58 0.81
CA GLU B 259 0.04 33.03 -0.02
C GLU B 259 1.02 31.90 -0.34
N VAL B 260 1.00 30.80 0.42
CA VAL B 260 1.99 29.75 0.22
C VAL B 260 1.62 28.95 -1.03
N LYS B 261 2.49 28.99 -2.05
CA LYS B 261 2.25 28.30 -3.31
C LYS B 261 3.29 27.24 -3.62
N ASP B 262 4.14 26.88 -2.67
CA ASP B 262 5.16 25.88 -2.89
C ASP B 262 5.15 24.97 -1.66
N ILE B 263 5.14 23.65 -1.88
CA ILE B 263 4.98 22.71 -0.78
C ILE B 263 6.12 22.78 0.22
N PHE B 264 7.28 23.31 -0.18
CA PHE B 264 8.43 23.39 0.69
C PHE B 264 8.54 24.71 1.41
N ASP B 265 7.57 25.60 1.21
CA ASP B 265 7.61 26.94 1.75
C ASP B 265 6.69 27.15 2.94
N PHE B 266 5.95 26.13 3.36
CA PHE B 266 5.10 26.30 4.54
C PHE B 266 5.98 26.41 5.77
N LYS B 267 5.65 27.38 6.62
CA LYS B 267 6.24 27.49 7.94
C LYS B 267 5.17 27.20 8.98
N PHE B 268 5.63 26.95 10.21
CA PHE B 268 4.68 26.66 11.29
C PHE B 268 3.58 27.71 11.37
N GLU B 269 3.95 28.98 11.22
CA GLU B 269 3.01 30.08 11.36
C GLU B 269 1.94 30.10 10.28
N ASP B 270 2.15 29.36 9.18
CA ASP B 270 1.21 29.34 8.07
C ASP B 270 0.06 28.37 8.28
N ILE B 271 0.03 27.65 9.39
CA ILE B 271 -0.86 26.51 9.57
C ILE B 271 -1.55 26.64 10.91
N GLU B 272 -2.88 26.71 10.88
CA GLU B 272 -3.67 26.89 12.09
C GLU B 272 -4.88 25.98 12.06
N ILE B 273 -5.37 25.64 13.24
CA ILE B 273 -6.58 24.85 13.40
C ILE B 273 -7.54 25.66 14.27
N VAL B 274 -8.73 25.94 13.75
CA VAL B 274 -9.72 26.75 14.46
C VAL B 274 -10.74 25.85 15.14
#